data_8SSP
#
_entry.id   8SSP
#
_cell.length_a   75.517
_cell.length_b   90.805
_cell.length_c   143.130
_cell.angle_alpha   90.000
_cell.angle_beta   90.000
_cell.angle_gamma   90.000
#
_symmetry.space_group_name_H-M   'I 2 2 2'
#
loop_
_entity.id
_entity.type
_entity.pdbx_description
1 polymer 'Aurora kinase A'
2 polymer Mb1
3 non-polymer 1,2-ETHANEDIOL
4 non-polymer 'SULFATE ION'
5 non-polymer '2-(N-MORPHOLINO)-ETHANESULFONIC ACID'
6 non-polymer 'PHOSPHATE ION'
7 non-polymer 1,3-PROPANDIOL
8 non-polymer N-[(3E)-5-[(2R)-2-METHOXY-2-PHENYLACETYL]PYRROLO[3,4-C]PYRAZOL-3(5H)-YLIDENE]-4-(4-METHYLPIPERAZIN-1-YL)BENZAMIDE
9 water water
#
loop_
_entity_poly.entity_id
_entity_poly.type
_entity_poly.pdbx_seq_one_letter_code
_entity_poly.pdbx_strand_id
1 'polypeptide(L)'
;VDESKKRQWALEDFEIGRPLGKGKFGNVYLAREKQSKFILALKVLFKAQLEKAGVEHQLRREVEIQSHLRHPNILRLYGY
FHDATRVYLILEYAPLGTVYRELQKLSKFDEQRTATYITELANALSYCHSKRVIHRDIKPENLLLGSAGELKIADFGWSV
HAPSSRRTTLCGTLDYLPPEMIEGRMHDEKVDLWSLGVLCYEFLVGKPPFEANTYQETYKRISRVEFTFPDFVTEGARDL
ISRLLKHNPSQRPMLREVLEHPWITANSSKPSNCQNKESASKQS
;
A
2 'polypeptide(L)'
;GSVSSVPTKLEVVAATPTSLLISWDAQTYQMYDYVSYYRITYGETGGNSPVQEFTVPGYYSTATISGLKPGVDYTITVYA
EGYYSSYSPISINYRT
;
B
#
loop_
_chem_comp.id
_chem_comp.type
_chem_comp.name
_chem_comp.formula
627 non-polymer N-[(3E)-5-[(2R)-2-METHOXY-2-PHENYLACETYL]PYRROLO[3,4-C]PYRAZOL-3(5H)-YLIDENE]-4-(4-METHYLPIPERAZIN-1-YL)BENZAMIDE 'C26 H30 N6 O3'
EDO non-polymer 1,2-ETHANEDIOL 'C2 H6 O2'
MES non-polymer '2-(N-MORPHOLINO)-ETHANESULFONIC ACID' 'C6 H13 N O4 S'
PDO non-polymer 1,3-PROPANDIOL 'C3 H8 O2'
PO4 non-polymer 'PHOSPHATE ION' 'O4 P -3'
SO4 non-polymer 'SULFATE ION' 'O4 S -2'
#
# COMPACT_ATOMS: atom_id res chain seq x y z
N ARG A 7 -7.97 0.97 20.18
CA ARG A 7 -9.05 0.55 21.06
C ARG A 7 -9.93 -0.50 20.40
N GLN A 8 -10.83 -1.08 21.19
CA GLN A 8 -11.77 -2.08 20.68
C GLN A 8 -12.95 -1.35 20.04
N TRP A 9 -12.79 -0.99 18.77
CA TRP A 9 -13.84 -0.28 18.06
C TRP A 9 -15.07 -1.15 17.88
N ALA A 10 -16.23 -0.51 17.77
CA ALA A 10 -17.48 -1.21 17.55
C ALA A 10 -18.46 -0.27 16.89
N LEU A 11 -19.54 -0.85 16.34
CA LEU A 11 -20.54 -0.04 15.67
C LEU A 11 -21.22 0.92 16.63
N GLU A 12 -21.27 0.58 17.92
CA GLU A 12 -21.89 1.42 18.93
CA GLU A 12 -21.90 1.43 18.91
C GLU A 12 -21.10 2.69 19.21
N ASP A 13 -19.90 2.84 18.64
CA ASP A 13 -19.07 4.00 18.88
C ASP A 13 -19.22 5.09 17.83
N PHE A 14 -20.02 4.85 16.79
CA PHE A 14 -20.14 5.79 15.68
C PHE A 14 -21.59 6.11 15.39
N GLU A 15 -21.85 7.37 15.04
CA GLU A 15 -23.13 7.78 14.47
C GLU A 15 -23.03 7.69 12.95
N ILE A 16 -23.98 7.00 12.34
CA ILE A 16 -23.92 6.69 10.91
C ILE A 16 -24.87 7.62 10.16
N GLY A 17 -24.37 8.24 9.09
CA GLY A 17 -25.17 9.11 8.27
C GLY A 17 -25.51 8.52 6.91
N ARG A 18 -25.62 9.36 5.89
CA ARG A 18 -25.99 8.92 4.57
C ARG A 18 -24.84 8.16 3.90
N PRO A 19 -25.15 7.30 2.92
CA PRO A 19 -24.09 6.62 2.18
C PRO A 19 -23.29 7.61 1.32
N LEU A 20 -21.97 7.54 1.43
CA LEU A 20 -21.11 8.40 0.63
C LEU A 20 -20.93 7.85 -0.78
N GLY A 21 -20.66 6.56 -0.90
CA GLY A 21 -20.45 5.94 -2.18
C GLY A 21 -20.71 4.46 -2.12
N LYS A 22 -20.40 3.79 -3.23
CA LYS A 22 -20.65 2.36 -3.40
C LYS A 22 -19.33 1.62 -3.60
N GLY A 23 -19.27 0.41 -3.05
CA GLY A 23 -18.17 -0.50 -3.28
C GLY A 23 -18.63 -1.76 -3.95
N LYS A 24 -17.68 -2.67 -4.15
CA LYS A 24 -17.99 -3.95 -4.78
C LYS A 24 -18.64 -4.92 -3.81
N PHE A 25 -18.34 -4.81 -2.50
CA PHE A 25 -18.86 -5.72 -1.50
C PHE A 25 -19.48 -4.97 -0.33
N GLY A 26 -19.99 -3.77 -0.57
CA GLY A 26 -20.63 -2.99 0.46
C GLY A 26 -20.72 -1.53 0.06
N ASN A 27 -21.02 -0.71 1.06
CA ASN A 27 -21.17 0.72 0.87
C ASN A 27 -20.27 1.46 1.86
N VAL A 28 -20.04 2.74 1.56
CA VAL A 28 -19.29 3.64 2.43
C VAL A 28 -20.26 4.68 2.96
N TYR A 29 -20.34 4.80 4.27
CA TYR A 29 -21.25 5.73 4.92
C TYR A 29 -20.48 6.88 5.56
N LEU A 30 -21.14 8.03 5.65
CA LEU A 30 -20.63 9.10 6.48
C LEU A 30 -20.87 8.76 7.95
N ALA A 31 -19.85 8.94 8.78
CA ALA A 31 -19.94 8.52 10.17
C ALA A 31 -19.30 9.58 11.06
N ARG A 32 -19.60 9.48 12.35
CA ARG A 32 -19.12 10.43 13.34
C ARG A 32 -18.79 9.69 14.63
N GLU A 33 -17.58 9.91 15.13
CA GLU A 33 -17.17 9.34 16.41
C GLU A 33 -17.86 10.09 17.55
N LYS A 34 -18.66 9.38 18.34
CA LYS A 34 -19.49 10.05 19.34
C LYS A 34 -18.65 10.76 20.40
N GLN A 35 -17.41 10.29 20.64
CA GLN A 35 -16.60 10.88 21.69
C GLN A 35 -16.13 12.28 21.30
N SER A 36 -15.61 12.44 20.09
CA SER A 36 -15.04 13.72 19.65
C SER A 36 -15.86 14.40 18.56
N LYS A 37 -16.98 13.81 18.13
CA LYS A 37 -17.83 14.37 17.07
C LYS A 37 -17.03 14.61 15.80
N PHE A 38 -16.09 13.70 15.52
CA PHE A 38 -15.20 13.83 14.37
C PHE A 38 -15.78 13.04 13.20
N ILE A 39 -16.01 13.72 12.08
CA ILE A 39 -16.59 13.09 10.91
C ILE A 39 -15.56 12.17 10.26
N LEU A 40 -15.99 10.95 9.93
CA LEU A 40 -15.11 10.00 9.26
CA LEU A 40 -15.14 9.93 9.33
C LEU A 40 -15.92 9.21 8.24
N ALA A 41 -15.26 8.27 7.57
CA ALA A 41 -15.87 7.41 6.57
C ALA A 41 -15.87 5.97 7.08
N LEU A 42 -17.03 5.33 7.00
CA LEU A 42 -17.20 3.96 7.49
C LEU A 42 -17.50 3.07 6.29
N LYS A 43 -16.58 2.18 5.97
CA LYS A 43 -16.71 1.28 4.82
C LYS A 43 -17.19 -0.08 5.32
N VAL A 44 -18.34 -0.52 4.82
CA VAL A 44 -18.92 -1.81 5.18
C VAL A 44 -18.56 -2.81 4.09
N LEU A 45 -18.11 -4.00 4.51
CA LEU A 45 -17.75 -5.07 3.58
C LEU A 45 -18.42 -6.35 4.04
N PHE A 46 -19.35 -6.86 3.24
CA PHE A 46 -20.06 -8.08 3.58
C PHE A 46 -19.14 -9.29 3.42
N LYS A 47 -19.00 -10.07 4.48
CA LYS A 47 -18.10 -11.23 4.44
C LYS A 47 -18.54 -12.26 3.42
N ALA A 48 -19.85 -12.42 3.21
CA ALA A 48 -20.33 -13.36 2.22
C ALA A 48 -19.90 -12.95 0.82
N GLN A 49 -19.97 -11.66 0.51
CA GLN A 49 -19.51 -11.18 -0.79
C GLN A 49 -18.00 -11.15 -0.89
N LEU A 50 -17.29 -11.14 0.24
CA LEU A 50 -15.84 -11.12 0.23
C LEU A 50 -15.27 -12.51 -0.08
N GLU A 51 -15.68 -13.52 0.68
CA GLU A 51 -15.17 -14.87 0.47
C GLU A 51 -15.59 -15.43 -0.88
N LYS A 52 -16.73 -14.99 -1.41
CA LYS A 52 -17.15 -15.43 -2.74
C LYS A 52 -16.16 -14.95 -3.80
N ALA A 53 -15.66 -13.72 -3.65
CA ALA A 53 -14.65 -13.19 -4.55
C ALA A 53 -13.24 -13.65 -4.20
N GLY A 54 -13.03 -14.18 -3.01
CA GLY A 54 -11.71 -14.65 -2.62
C GLY A 54 -10.68 -13.56 -2.46
N VAL A 55 -11.09 -12.40 -1.92
CA VAL A 55 -10.20 -11.27 -1.76
C VAL A 55 -9.88 -11.02 -0.27
N GLU A 56 -10.10 -12.02 0.57
CA GLU A 56 -9.87 -11.84 2.01
C GLU A 56 -8.40 -11.56 2.31
N HIS A 57 -7.50 -12.19 1.57
CA HIS A 57 -6.08 -11.96 1.81
C HIS A 57 -5.68 -10.52 1.47
N GLN A 58 -6.30 -9.94 0.43
CA GLN A 58 -6.03 -8.54 0.11
C GLN A 58 -6.57 -7.61 1.17
N LEU A 59 -7.70 -7.96 1.80
CA LEU A 59 -8.21 -7.17 2.90
C LEU A 59 -7.25 -7.18 4.09
N ARG A 60 -6.73 -8.37 4.42
CA ARG A 60 -5.73 -8.46 5.49
C ARG A 60 -4.50 -7.61 5.17
N ARG A 61 -4.09 -7.58 3.90
CA ARG A 61 -2.94 -6.79 3.52
C ARG A 61 -3.22 -5.30 3.66
N GLU A 62 -4.40 -4.84 3.23
CA GLU A 62 -4.70 -3.42 3.28
C GLU A 62 -4.78 -2.93 4.73
N VAL A 63 -5.40 -3.71 5.62
CA VAL A 63 -5.55 -3.27 7.00
C VAL A 63 -4.20 -3.28 7.71
N GLU A 64 -3.44 -4.37 7.57
CA GLU A 64 -2.19 -4.50 8.31
C GLU A 64 -1.13 -3.50 7.86
N ILE A 65 -1.25 -2.94 6.66
CA ILE A 65 -0.27 -2.00 6.14
C ILE A 65 -0.76 -0.55 6.26
N GLN A 66 -1.95 -0.26 5.76
CA GLN A 66 -2.45 1.11 5.75
C GLN A 66 -2.68 1.66 7.15
N SER A 67 -2.84 0.79 8.15
CA SER A 67 -3.01 1.25 9.53
C SER A 67 -1.75 1.86 10.11
N HIS A 68 -0.61 1.76 9.43
CA HIS A 68 0.66 2.29 9.91
C HIS A 68 1.15 3.47 9.09
N LEU A 69 0.37 3.94 8.14
CA LEU A 69 0.79 4.98 7.22
C LEU A 69 0.14 6.30 7.60
N ARG A 70 0.96 7.28 7.99
CA ARG A 70 0.48 8.59 8.42
C ARG A 70 1.19 9.65 7.57
N HIS A 71 0.52 10.11 6.51
CA HIS A 71 1.07 11.09 5.59
C HIS A 71 -0.06 11.98 5.10
N PRO A 72 0.20 13.27 4.88
CA PRO A 72 -0.88 14.17 4.42
C PRO A 72 -1.54 13.74 3.14
N ASN A 73 -0.88 12.93 2.31
CA ASN A 73 -1.42 12.53 1.01
C ASN A 73 -1.76 11.05 0.95
N ILE A 74 -1.93 10.40 2.10
CA ILE A 74 -2.38 9.01 2.18
C ILE A 74 -3.64 8.97 3.04
N LEU A 75 -4.70 8.37 2.49
CA LEU A 75 -5.94 8.24 3.24
C LEU A 75 -5.71 7.39 4.49
N ARG A 76 -5.97 7.99 5.65
CA ARG A 76 -5.69 7.31 6.91
C ARG A 76 -6.70 6.21 7.19
N LEU A 77 -6.21 5.10 7.73
CA LEU A 77 -7.04 4.01 8.22
C LEU A 77 -6.91 3.99 9.75
N TYR A 78 -7.90 4.56 10.43
CA TYR A 78 -7.81 4.71 11.89
C TYR A 78 -7.97 3.36 12.60
N GLY A 79 -8.65 2.42 11.99
CA GLY A 79 -8.86 1.14 12.61
C GLY A 79 -9.94 0.35 11.89
N TYR A 80 -10.27 -0.80 12.45
CA TYR A 80 -11.25 -1.68 11.84
C TYR A 80 -11.90 -2.54 12.92
N PHE A 81 -13.02 -3.15 12.55
CA PHE A 81 -13.69 -4.15 13.38
C PHE A 81 -14.62 -4.95 12.47
N HIS A 82 -15.22 -5.99 13.04
CA HIS A 82 -16.07 -6.86 12.25
C HIS A 82 -16.99 -7.65 13.17
N ASP A 83 -18.22 -7.90 12.70
CA ASP A 83 -19.15 -8.77 13.38
C ASP A 83 -19.32 -10.05 12.56
N ALA A 84 -20.46 -10.73 12.75
CA ALA A 84 -20.66 -12.03 12.13
C ALA A 84 -20.87 -11.95 10.62
N THR A 85 -21.30 -10.80 10.11
CA THR A 85 -21.67 -10.69 8.70
C THR A 85 -20.89 -9.65 7.91
N ARG A 86 -20.26 -8.68 8.57
CA ARG A 86 -19.66 -7.57 7.85
C ARG A 86 -18.30 -7.23 8.44
N VAL A 87 -17.51 -6.49 7.66
CA VAL A 87 -16.23 -5.94 8.09
C VAL A 87 -16.32 -4.42 7.95
N TYR A 88 -15.85 -3.71 8.97
CA TYR A 88 -15.94 -2.25 9.01
C TYR A 88 -14.55 -1.66 9.02
N LEU A 89 -14.34 -0.63 8.19
CA LEU A 89 -13.07 0.07 8.10
C LEU A 89 -13.28 1.53 8.45
N ILE A 90 -12.59 2.00 9.48
CA ILE A 90 -12.69 3.39 9.92
C ILE A 90 -11.66 4.19 9.14
N LEU A 91 -12.13 4.99 8.18
CA LEU A 91 -11.27 5.65 7.22
C LEU A 91 -11.43 7.17 7.31
N GLU A 92 -10.42 7.87 6.77
CA GLU A 92 -10.46 9.32 6.71
C GLU A 92 -11.49 9.77 5.68
N TYR A 93 -12.19 10.87 6.00
CA TYR A 93 -13.21 11.41 5.11
C TYR A 93 -12.56 12.31 4.06
N ALA A 94 -12.79 11.99 2.79
CA ALA A 94 -12.32 12.82 1.67
C ALA A 94 -13.53 13.44 0.99
N PRO A 95 -13.80 14.73 1.22
CA PRO A 95 -15.10 15.28 0.80
C PRO A 95 -15.22 15.58 -0.69
N LEU A 96 -14.11 15.73 -1.41
CA LEU A 96 -14.17 16.19 -2.80
C LEU A 96 -14.22 15.05 -3.80
N GLY A 97 -14.27 13.80 -3.36
CA GLY A 97 -14.46 12.68 -4.27
C GLY A 97 -13.16 12.15 -4.85
N THR A 98 -13.34 11.34 -5.90
CA THR A 98 -12.21 10.67 -6.55
C THR A 98 -11.66 11.53 -7.68
N VAL A 99 -10.35 11.39 -7.91
CA VAL A 99 -9.72 12.04 -9.06
C VAL A 99 -10.30 11.51 -10.36
N TYR A 100 -10.79 10.27 -10.34
CA TYR A 100 -11.40 9.69 -11.54
C TYR A 100 -12.58 10.50 -12.03
N ARG A 101 -13.49 10.86 -11.11
CA ARG A 101 -14.68 11.61 -11.51
C ARG A 101 -14.32 13.02 -11.96
N GLU A 102 -13.31 13.64 -11.32
CA GLU A 102 -12.84 14.94 -11.78
C GLU A 102 -12.25 14.85 -13.18
N LEU A 103 -11.59 13.73 -13.51
CA LEU A 103 -11.07 13.56 -14.87
C LEU A 103 -12.19 13.28 -15.87
N GLN A 104 -13.24 12.58 -15.44
CA GLN A 104 -14.40 12.38 -16.30
C GLN A 104 -15.07 13.71 -16.64
N LYS A 105 -15.06 14.66 -15.70
CA LYS A 105 -15.69 15.95 -15.95
C LYS A 105 -14.87 16.80 -16.91
N LEU A 106 -13.59 17.01 -16.59
CA LEU A 106 -12.74 17.92 -17.34
C LEU A 106 -12.04 17.27 -18.53
N SER A 107 -12.32 15.99 -18.80
CA SER A 107 -11.70 15.22 -19.87
C SER A 107 -10.19 15.08 -19.66
N LYS A 108 -9.48 16.18 -19.45
CA LYS A 108 -8.06 16.14 -19.15
C LYS A 108 -7.70 17.34 -18.29
N PHE A 109 -6.63 17.20 -17.51
CA PHE A 109 -6.17 18.24 -16.61
C PHE A 109 -5.09 19.09 -17.27
N ASP A 110 -4.98 20.34 -16.83
CA ASP A 110 -3.91 21.19 -17.31
C ASP A 110 -2.58 20.78 -16.67
N GLU A 111 -1.52 21.47 -17.07
CA GLU A 111 -0.19 21.12 -16.56
C GLU A 111 -0.02 21.51 -15.10
N GLN A 112 -0.65 22.59 -14.67
CA GLN A 112 -0.51 23.03 -13.28
C GLN A 112 -1.18 22.06 -12.33
N ARG A 113 -2.43 21.69 -12.61
CA ARG A 113 -3.14 20.74 -11.76
C ARG A 113 -2.48 19.37 -11.78
N THR A 114 -1.94 18.96 -12.93
CA THR A 114 -1.29 17.66 -13.02
C THR A 114 0.01 17.63 -12.24
N ALA A 115 0.85 18.66 -12.39
CA ALA A 115 2.13 18.68 -11.70
C ALA A 115 1.94 18.73 -10.19
N THR A 116 0.91 19.44 -9.72
CA THR A 116 0.64 19.47 -8.29
C THR A 116 0.22 18.10 -7.78
N TYR A 117 -0.59 17.36 -8.56
CA TYR A 117 -0.96 16.01 -8.19
C TYR A 117 0.26 15.10 -8.12
N ILE A 118 1.13 15.18 -9.13
CA ILE A 118 2.33 14.32 -9.15
C ILE A 118 3.24 14.65 -7.99
N THR A 119 3.35 15.94 -7.65
CA THR A 119 4.16 16.34 -6.50
C THR A 119 3.63 15.72 -5.21
N GLU A 120 2.33 15.82 -4.97
CA GLU A 120 1.75 15.23 -3.77
C GLU A 120 1.88 13.70 -3.78
N LEU A 121 1.62 13.10 -4.94
CA LEU A 121 1.71 11.64 -5.04
C LEU A 121 3.15 11.16 -4.82
N ALA A 122 4.13 11.90 -5.34
CA ALA A 122 5.51 11.52 -5.13
C ALA A 122 5.93 11.68 -3.67
N ASN A 123 5.34 12.64 -2.97
CA ASN A 123 5.64 12.80 -1.54
C ASN A 123 5.11 11.63 -0.74
N ALA A 124 3.91 11.14 -1.09
CA ALA A 124 3.35 10.00 -0.38
C ALA A 124 4.08 8.71 -0.73
N LEU A 125 4.44 8.54 -2.01
CA LEU A 125 5.21 7.36 -2.41
C LEU A 125 6.59 7.34 -1.75
N SER A 126 7.22 8.51 -1.65
CA SER A 126 8.49 8.59 -0.94
C SER A 126 8.35 8.19 0.52
N TYR A 127 7.21 8.52 1.12
CA TYR A 127 6.93 8.07 2.49
C TYR A 127 6.75 6.56 2.54
N CYS A 128 5.99 6.00 1.58
CA CYS A 128 5.79 4.56 1.55
C CYS A 128 7.10 3.83 1.26
N HIS A 129 7.85 4.31 0.27
CA HIS A 129 9.12 3.66 -0.08
C HIS A 129 10.14 3.77 1.04
N SER A 130 10.04 4.81 1.88
CA SER A 130 10.91 4.91 3.04
C SER A 130 10.67 3.79 4.04
N LYS A 131 9.47 3.20 4.03
CA LYS A 131 9.16 2.05 4.86
C LYS A 131 9.20 0.74 4.08
N ARG A 132 9.78 0.75 2.88
CA ARG A 132 9.83 -0.43 2.01
C ARG A 132 8.43 -0.96 1.73
N VAL A 133 7.51 -0.05 1.47
CA VAL A 133 6.13 -0.39 1.15
C VAL A 133 5.83 0.08 -0.26
N ILE A 134 5.35 -0.84 -1.10
CA ILE A 134 5.03 -0.56 -2.49
C ILE A 134 3.52 -0.66 -2.67
N HIS A 135 2.93 0.33 -3.33
CA HIS A 135 1.49 0.36 -3.50
C HIS A 135 1.02 -0.61 -4.59
N ARG A 136 1.65 -0.54 -5.76
CA ARG A 136 1.41 -1.45 -6.89
C ARG A 136 0.01 -1.34 -7.47
N ASP A 137 -0.69 -0.22 -7.25
CA ASP A 137 -2.01 -0.02 -7.85
C ASP A 137 -2.34 1.45 -7.97
N ILE A 138 -1.40 2.23 -8.50
CA ILE A 138 -1.61 3.66 -8.69
C ILE A 138 -2.46 3.88 -9.93
N LYS A 139 -3.60 4.54 -9.76
CA LYS A 139 -4.53 4.85 -10.84
C LYS A 139 -5.55 5.85 -10.33
N PRO A 140 -6.20 6.61 -11.22
CA PRO A 140 -7.10 7.68 -10.75
C PRO A 140 -8.25 7.16 -9.92
N GLU A 141 -8.73 5.94 -10.18
CA GLU A 141 -9.83 5.38 -9.41
C GLU A 141 -9.45 5.05 -7.98
N ASN A 142 -8.17 5.09 -7.64
CA ASN A 142 -7.69 4.83 -6.28
C ASN A 142 -7.24 6.09 -5.56
N LEU A 143 -7.58 7.27 -6.09
CA LEU A 143 -7.14 8.54 -5.53
C LEU A 143 -8.34 9.37 -5.13
N LEU A 144 -8.33 9.85 -3.89
CA LEU A 144 -9.38 10.71 -3.37
C LEU A 144 -8.83 12.12 -3.16
N LEU A 145 -9.74 13.08 -3.00
CA LEU A 145 -9.39 14.48 -2.88
C LEU A 145 -9.80 15.02 -1.52
N GLY A 146 -8.89 15.71 -0.84
CA GLY A 146 -9.15 16.26 0.46
C GLY A 146 -9.98 17.53 0.41
N SER A 147 -10.16 18.13 1.59
CA SER A 147 -11.00 19.31 1.69
C SER A 147 -10.45 20.48 0.88
N ALA A 148 -9.13 20.64 0.86
CA ALA A 148 -8.49 21.70 0.09
C ALA A 148 -8.08 21.26 -1.31
N GLY A 149 -8.52 20.08 -1.74
CA GLY A 149 -8.18 19.57 -3.05
C GLY A 149 -6.92 18.75 -3.12
N GLU A 150 -6.37 18.34 -1.98
CA GLU A 150 -5.13 17.57 -1.97
C GLU A 150 -5.41 16.11 -2.31
N LEU A 151 -4.40 15.46 -2.89
CA LEU A 151 -4.54 14.07 -3.31
C LEU A 151 -4.35 13.14 -2.13
N LYS A 152 -5.15 12.08 -2.08
CA LYS A 152 -5.08 11.06 -1.04
C LYS A 152 -5.12 9.69 -1.70
N ILE A 153 -4.08 8.89 -1.49
CA ILE A 153 -4.01 7.55 -2.07
C ILE A 153 -4.77 6.59 -1.16
N ALA A 154 -5.63 5.78 -1.76
CA ALA A 154 -6.44 4.80 -1.05
C ALA A 154 -6.28 3.43 -1.70
N ASP A 155 -7.02 2.45 -1.19
CA ASP A 155 -6.99 1.08 -1.65
C ASP A 155 -5.57 0.50 -1.62
N PHE A 156 -5.19 -0.08 -0.49
CA PHE A 156 -3.88 -0.71 -0.34
C PHE A 156 -3.98 -2.23 -0.35
N GLY A 157 -4.97 -2.78 -1.05
CA GLY A 157 -5.12 -4.22 -1.10
C GLY A 157 -4.03 -4.92 -1.86
N TRP A 158 -3.48 -4.28 -2.89
CA TRP A 158 -2.38 -4.84 -3.66
C TRP A 158 -1.02 -4.41 -3.13
N SER A 159 -0.97 -3.63 -2.06
CA SER A 159 0.29 -3.19 -1.50
C SER A 159 1.09 -4.37 -0.96
N VAL A 160 2.38 -4.13 -0.71
CA VAL A 160 3.28 -5.19 -0.30
C VAL A 160 4.44 -4.59 0.49
N HIS A 161 4.93 -5.35 1.47
CA HIS A 161 6.16 -5.03 2.18
C HIS A 161 7.30 -5.77 1.48
N ALA A 162 8.18 -5.02 0.82
CA ALA A 162 9.22 -5.62 -0.02
C ALA A 162 10.09 -6.64 0.70
N PRO A 163 10.61 -6.40 1.91
CA PRO A 163 11.41 -7.44 2.58
C PRO A 163 10.60 -8.63 3.04
N SER A 164 9.26 -8.55 3.03
CA SER A 164 8.41 -9.63 3.52
C SER A 164 7.71 -10.37 2.38
N SER A 165 8.20 -10.24 1.16
CA SER A 165 7.60 -10.93 0.02
C SER A 165 8.65 -11.07 -1.07
N ARG A 166 8.36 -11.99 -2.00
CA ARG A 166 9.28 -12.25 -3.10
C ARG A 166 8.98 -11.40 -4.34
N ARG A 167 7.79 -10.82 -4.41
CA ARG A 167 7.43 -9.87 -5.47
C ARG A 167 7.63 -10.46 -6.87
N THR A 168 7.03 -11.63 -7.10
CA THR A 168 7.12 -12.30 -8.39
C THR A 168 5.75 -12.61 -8.98
N THR A 169 4.68 -12.07 -8.43
CA THR A 169 3.33 -12.30 -8.92
C THR A 169 2.75 -11.00 -9.47
N LEU A 170 2.09 -11.10 -10.62
CA LEU A 170 1.53 -9.92 -11.28
C LEU A 170 0.28 -9.47 -10.56
N CYS A 171 0.15 -8.16 -10.35
CA CYS A 171 -0.99 -7.61 -9.65
C CYS A 171 -1.13 -6.14 -10.02
N GLY A 172 -2.35 -5.63 -9.88
CA GLY A 172 -2.62 -4.25 -10.22
C GLY A 172 -3.75 -4.10 -11.23
N THR A 173 -3.71 -3.03 -12.02
CA THR A 173 -4.74 -2.76 -13.02
C THR A 173 -4.14 -2.86 -14.42
N LEU A 174 -4.97 -3.33 -15.36
CA LEU A 174 -4.51 -3.70 -16.69
C LEU A 174 -3.69 -2.59 -17.35
N ASP A 175 -4.23 -1.38 -17.40
CA ASP A 175 -3.57 -0.30 -18.10
C ASP A 175 -2.37 0.27 -17.36
N TYR A 176 -2.16 -0.13 -16.10
CA TYR A 176 -1.09 0.44 -15.29
C TYR A 176 -0.03 -0.59 -14.91
N LEU A 177 -0.09 -1.79 -15.45
CA LEU A 177 0.85 -2.84 -15.09
C LEU A 177 2.26 -2.49 -15.60
N PRO A 178 3.29 -2.61 -14.77
CA PRO A 178 4.66 -2.37 -15.24
C PRO A 178 5.12 -3.50 -16.15
N PRO A 179 6.12 -3.25 -17.01
CA PRO A 179 6.56 -4.31 -17.93
C PRO A 179 7.24 -5.47 -17.24
N GLU A 180 7.97 -5.23 -16.14
CA GLU A 180 8.65 -6.31 -15.44
C GLU A 180 7.65 -7.31 -14.87
N MET A 181 6.43 -6.88 -14.58
CA MET A 181 5.41 -7.81 -14.12
C MET A 181 4.90 -8.69 -15.26
N ILE A 182 4.62 -8.08 -16.42
CA ILE A 182 4.15 -8.83 -17.58
C ILE A 182 5.20 -9.82 -18.04
N GLU A 183 6.48 -9.46 -17.93
CA GLU A 183 7.57 -10.33 -18.32
C GLU A 183 8.02 -11.27 -17.21
N GLY A 184 7.33 -11.26 -16.07
CA GLY A 184 7.53 -12.27 -15.04
C GLY A 184 8.79 -12.14 -14.22
N ARG A 185 9.40 -10.96 -14.17
CA ARG A 185 10.62 -10.77 -13.41
C ARG A 185 10.31 -10.19 -12.03
N MET A 186 11.27 -10.37 -11.12
CA MET A 186 11.15 -9.80 -9.78
C MET A 186 11.07 -8.28 -9.86
N HIS A 187 10.17 -7.70 -9.07
CA HIS A 187 9.91 -6.27 -9.11
C HIS A 187 10.07 -5.66 -7.72
N ASP A 188 10.34 -4.36 -7.69
CA ASP A 188 10.53 -3.65 -6.44
C ASP A 188 9.78 -2.33 -6.41
N GLU A 189 10.35 -1.32 -5.74
CA GLU A 189 9.68 -0.03 -5.59
C GLU A 189 9.51 0.70 -6.92
N LYS A 190 10.23 0.27 -7.96
CA LYS A 190 10.21 0.97 -9.24
C LYS A 190 8.90 0.79 -9.99
N VAL A 191 8.07 -0.18 -9.60
CA VAL A 191 6.77 -0.34 -10.27
C VAL A 191 5.86 0.83 -9.95
N ASP A 192 6.05 1.46 -8.79
CA ASP A 192 5.29 2.67 -8.49
C ASP A 192 5.76 3.85 -9.33
N LEU A 193 7.03 3.84 -9.74
CA LEU A 193 7.54 4.89 -10.61
C LEU A 193 7.00 4.74 -12.03
N TRP A 194 6.81 3.50 -12.48
CA TRP A 194 6.22 3.28 -13.80
C TRP A 194 4.77 3.74 -13.83
N SER A 195 3.96 3.26 -12.88
CA SER A 195 2.55 3.62 -12.84
C SER A 195 2.35 5.10 -12.61
N LEU A 196 3.30 5.75 -11.93
CA LEU A 196 3.23 7.21 -11.78
C LEU A 196 3.37 7.90 -13.13
N GLY A 197 4.21 7.36 -14.02
CA GLY A 197 4.34 7.93 -15.35
C GLY A 197 3.13 7.65 -16.22
N VAL A 198 2.56 6.45 -16.09
CA VAL A 198 1.30 6.15 -16.77
C VAL A 198 0.20 7.10 -16.30
N LEU A 199 0.19 7.40 -15.00
CA LEU A 199 -0.81 8.31 -14.45
C LEU A 199 -0.60 9.73 -14.96
N CYS A 200 0.65 10.18 -15.04
CA CYS A 200 0.93 11.51 -15.55
C CYS A 200 0.47 11.66 -17.00
N TYR A 201 0.50 10.57 -17.77
CA TYR A 201 0.04 10.63 -19.15
C TYR A 201 -1.47 10.77 -19.22
N GLU A 202 -2.20 9.98 -18.43
CA GLU A 202 -3.66 10.04 -18.45
C GLU A 202 -4.18 11.38 -17.96
N PHE A 203 -3.48 12.02 -17.01
CA PHE A 203 -3.93 13.31 -16.51
C PHE A 203 -3.87 14.37 -17.61
N LEU A 204 -2.83 14.35 -18.43
CA LEU A 204 -2.65 15.36 -19.46
C LEU A 204 -3.37 15.02 -20.76
N VAL A 205 -3.53 13.74 -21.07
CA VAL A 205 -4.12 13.31 -22.34
C VAL A 205 -5.57 12.91 -22.18
N GLY A 206 -5.92 12.24 -21.07
CA GLY A 206 -7.27 11.77 -20.83
C GLY A 206 -7.43 10.28 -20.99
N LYS A 207 -6.42 9.57 -21.49
CA LYS A 207 -6.47 8.14 -21.71
C LYS A 207 -5.11 7.55 -21.38
N PRO A 208 -5.06 6.31 -20.88
CA PRO A 208 -3.78 5.69 -20.59
C PRO A 208 -3.00 5.44 -21.87
N PRO A 209 -1.66 5.43 -21.80
CA PRO A 209 -0.87 5.42 -23.04
C PRO A 209 -0.91 4.09 -23.80
N PHE A 210 -1.17 2.98 -23.12
CA PHE A 210 -1.13 1.65 -23.74
C PHE A 210 -2.52 1.06 -23.92
N GLU A 211 -3.50 1.91 -24.22
CA GLU A 211 -4.88 1.46 -24.37
C GLU A 211 -5.02 0.54 -25.58
N ALA A 212 -5.86 -0.48 -25.44
CA ALA A 212 -6.09 -1.44 -26.51
C ALA A 212 -7.43 -2.11 -26.30
N ASN A 213 -7.99 -2.65 -27.39
CA ASN A 213 -9.29 -3.30 -27.35
C ASN A 213 -9.25 -4.69 -26.75
N THR A 214 -8.07 -5.22 -26.43
CA THR A 214 -7.96 -6.53 -25.83
C THR A 214 -6.74 -6.54 -24.91
N TYR A 215 -6.79 -7.41 -23.90
CA TYR A 215 -5.67 -7.46 -22.95
C TYR A 215 -4.43 -8.10 -23.55
N GLN A 216 -4.57 -8.84 -24.66
CA GLN A 216 -3.39 -9.36 -25.35
C GLN A 216 -2.51 -8.21 -25.85
N GLU A 217 -3.15 -7.22 -26.47
CA GLU A 217 -2.39 -6.12 -27.08
CA GLU A 217 -2.38 -6.12 -27.07
C GLU A 217 -1.82 -5.18 -26.02
N THR A 218 -2.57 -4.94 -24.95
CA THR A 218 -2.10 -4.05 -23.89
C THR A 218 -0.84 -4.61 -23.24
N TYR A 219 -0.84 -5.91 -22.93
CA TYR A 219 0.36 -6.54 -22.39
C TYR A 219 1.52 -6.44 -23.38
N LYS A 220 1.23 -6.55 -24.67
CA LYS A 220 2.28 -6.44 -25.68
C LYS A 220 2.79 -5.01 -25.81
N ARG A 221 1.89 -4.03 -25.78
CA ARG A 221 2.30 -2.64 -25.94
C ARG A 221 3.10 -2.15 -24.73
N ILE A 222 2.78 -2.64 -23.54
CA ILE A 222 3.54 -2.28 -22.35
C ILE A 222 4.93 -2.91 -22.40
N SER A 223 4.99 -4.20 -22.75
CA SER A 223 6.26 -4.91 -22.75
C SER A 223 7.25 -4.31 -23.73
N ARG A 224 6.77 -3.74 -24.83
CA ARG A 224 7.62 -3.10 -25.81
C ARG A 224 7.63 -1.58 -25.70
N VAL A 225 6.95 -1.03 -24.69
CA VAL A 225 6.86 0.41 -24.46
C VAL A 225 6.45 1.11 -25.74
N GLU A 226 5.26 0.79 -26.24
CA GLU A 226 4.76 1.33 -27.51
C GLU A 226 3.69 2.37 -27.19
N PHE A 227 4.09 3.64 -27.16
CA PHE A 227 3.17 4.73 -26.89
C PHE A 227 3.70 6.00 -27.53
N THR A 228 2.78 6.92 -27.84
CA THR A 228 3.13 8.20 -28.45
C THR A 228 2.41 9.31 -27.71
N PHE A 229 2.90 10.53 -27.90
CA PHE A 229 2.31 11.72 -27.28
C PHE A 229 1.51 12.51 -28.29
N PRO A 230 0.35 13.04 -27.91
CA PRO A 230 -0.32 14.03 -28.74
C PRO A 230 0.50 15.30 -28.86
N ASP A 231 0.13 16.15 -29.81
CA ASP A 231 0.93 17.33 -30.09
C ASP A 231 0.85 18.36 -28.97
N PHE A 232 -0.26 18.38 -28.21
CA PHE A 232 -0.43 19.40 -27.19
C PHE A 232 0.33 19.09 -25.90
N VAL A 233 1.11 18.01 -25.87
CA VAL A 233 1.90 17.67 -24.69
C VAL A 233 3.25 18.38 -24.79
N THR A 234 3.56 19.18 -23.77
CA THR A 234 4.77 20.00 -23.81
C THR A 234 6.02 19.13 -23.66
N GLU A 235 7.16 19.72 -24.04
CA GLU A 235 8.42 18.98 -24.02
C GLU A 235 8.83 18.59 -22.61
N GLY A 236 8.52 19.43 -21.62
CA GLY A 236 8.83 19.07 -20.24
C GLY A 236 8.02 17.90 -19.74
N ALA A 237 6.78 17.76 -20.21
CA ALA A 237 5.95 16.64 -19.78
C ALA A 237 6.38 15.35 -20.46
N ARG A 238 6.76 15.41 -21.75
CA ARG A 238 7.26 14.22 -22.42
C ARG A 238 8.56 13.74 -21.80
N ASP A 239 9.40 14.67 -21.32
CA ASP A 239 10.66 14.27 -20.70
C ASP A 239 10.42 13.50 -19.41
N LEU A 240 9.47 13.95 -18.59
CA LEU A 240 9.18 13.25 -17.34
C LEU A 240 8.55 11.89 -17.60
N ILE A 241 7.53 11.84 -18.47
CA ILE A 241 6.86 10.58 -18.76
C ILE A 241 7.83 9.57 -19.36
N SER A 242 8.70 10.04 -20.27
CA SER A 242 9.68 9.15 -20.86
C SER A 242 10.70 8.66 -19.83
N ARG A 243 11.11 9.54 -18.92
CA ARG A 243 12.00 9.11 -17.85
C ARG A 243 11.32 8.10 -16.93
N LEU A 244 10.00 8.24 -16.74
CA LEU A 244 9.28 7.31 -15.87
C LEU A 244 8.90 6.03 -16.59
N LEU A 245 8.60 6.10 -17.89
CA LEU A 245 8.19 4.92 -18.65
C LEU A 245 9.38 4.28 -19.35
N LYS A 246 10.38 3.92 -18.54
CA LYS A 246 11.55 3.20 -19.03
C LYS A 246 11.35 1.70 -18.80
N HIS A 247 11.75 0.91 -19.80
CA HIS A 247 11.61 -0.55 -19.68
C HIS A 247 12.47 -1.09 -18.56
N ASN A 248 13.67 -0.55 -18.39
CA ASN A 248 14.56 -0.98 -17.32
C ASN A 248 14.15 -0.27 -16.02
N PRO A 249 13.74 -1.01 -14.99
CA PRO A 249 13.37 -0.34 -13.73
C PRO A 249 14.51 0.44 -13.10
N SER A 250 15.76 0.01 -13.32
CA SER A 250 16.90 0.73 -12.74
C SER A 250 17.11 2.09 -13.37
N GLN A 251 16.60 2.32 -14.59
CA GLN A 251 16.74 3.61 -15.23
C GLN A 251 15.68 4.61 -14.79
N ARG A 252 14.58 4.14 -14.22
CA ARG A 252 13.55 5.03 -13.73
C ARG A 252 14.09 5.89 -12.58
N PRO A 253 13.72 7.16 -12.51
CA PRO A 253 14.34 8.06 -11.52
C PRO A 253 13.80 7.81 -10.12
N MET A 254 14.50 8.39 -9.15
CA MET A 254 14.02 8.40 -7.78
C MET A 254 12.95 9.47 -7.61
N LEU A 255 12.05 9.24 -6.64
CA LEU A 255 11.00 10.20 -6.39
C LEU A 255 11.56 11.55 -5.99
N ARG A 256 12.75 11.56 -5.37
CA ARG A 256 13.41 12.83 -5.08
C ARG A 256 13.73 13.60 -6.35
N GLU A 257 14.12 12.88 -7.41
CA GLU A 257 14.44 13.53 -8.67
C GLU A 257 13.18 13.94 -9.44
N VAL A 258 12.10 13.16 -9.30
CA VAL A 258 10.84 13.55 -9.92
C VAL A 258 10.35 14.88 -9.35
N LEU A 259 10.46 15.04 -8.03
CA LEU A 259 10.08 16.30 -7.41
C LEU A 259 10.99 17.45 -7.84
N GLU A 260 12.22 17.13 -8.22
CA GLU A 260 13.19 18.13 -8.67
C GLU A 260 13.20 18.31 -10.17
N HIS A 261 12.36 17.58 -10.91
CA HIS A 261 12.32 17.70 -12.35
C HIS A 261 11.90 19.12 -12.74
N PRO A 262 12.50 19.69 -13.79
CA PRO A 262 12.17 21.09 -14.15
C PRO A 262 10.70 21.29 -14.47
N TRP A 263 10.03 20.30 -15.05
CA TRP A 263 8.62 20.47 -15.39
C TRP A 263 7.74 20.48 -14.15
N ILE A 264 8.09 19.70 -13.12
CA ILE A 264 7.35 19.75 -11.87
C ILE A 264 7.65 21.05 -11.14
N THR A 265 8.92 21.44 -11.08
CA THR A 265 9.31 22.65 -10.38
C THR A 265 8.62 23.89 -10.95
N ALA A 266 8.36 23.91 -12.26
CA ALA A 266 7.82 25.09 -12.92
C ALA A 266 6.29 25.10 -12.97
N ASN A 267 5.62 24.02 -12.59
CA ASN A 267 4.17 23.95 -12.76
C ASN A 267 3.44 23.58 -11.48
N SER A 268 4.11 22.87 -10.58
CA SER A 268 3.45 22.38 -9.37
C SER A 268 3.18 23.52 -8.39
N SER A 269 2.00 23.51 -7.78
CA SER A 269 1.66 24.50 -6.77
C SER A 269 2.31 24.18 -5.43
N LYS A 270 2.49 22.90 -5.12
CA LYS A 270 3.12 22.49 -3.87
C LYS A 270 4.63 22.32 -4.06
N LYS B 9 7.36 -24.15 13.11
CA LYS B 9 6.53 -22.95 13.01
C LYS B 9 7.40 -21.72 12.78
N LEU B 10 8.19 -21.37 13.78
CA LEU B 10 9.21 -20.33 13.62
C LEU B 10 10.44 -20.93 12.94
N GLU B 11 11.09 -20.13 12.10
CA GLU B 11 12.21 -20.62 11.31
C GLU B 11 13.34 -19.60 11.30
N VAL B 12 14.56 -20.08 11.41
CA VAL B 12 15.76 -19.26 11.24
C VAL B 12 16.22 -19.42 9.80
N VAL B 13 16.24 -18.32 9.05
CA VAL B 13 16.57 -18.36 7.63
C VAL B 13 18.07 -18.23 7.46
N ALA B 14 18.62 -17.10 7.91
CA ALA B 14 20.05 -16.84 7.82
C ALA B 14 20.69 -16.91 9.19
N ALA B 15 22.01 -17.11 9.21
CA ALA B 15 22.77 -17.23 10.44
C ALA B 15 24.05 -16.42 10.34
N THR B 16 24.45 -15.82 11.46
CA THR B 16 25.65 -15.01 11.57
C THR B 16 26.05 -15.02 13.03
N PRO B 17 27.36 -15.13 13.35
CA PRO B 17 27.77 -15.22 14.77
C PRO B 17 27.28 -14.09 15.65
N THR B 18 26.78 -13.01 15.05
CA THR B 18 26.26 -11.89 15.82
C THR B 18 24.85 -11.45 15.40
N SER B 19 24.24 -12.12 14.42
CA SER B 19 22.93 -11.73 13.93
C SER B 19 22.18 -12.95 13.42
N LEU B 20 20.85 -12.90 13.54
CA LEU B 20 19.98 -13.95 13.03
C LEU B 20 18.84 -13.33 12.24
N LEU B 21 18.35 -14.08 11.25
CA LEU B 21 17.24 -13.68 10.41
C LEU B 21 16.12 -14.70 10.58
N ILE B 22 15.07 -14.30 11.30
CA ILE B 22 13.96 -15.19 11.58
C ILE B 22 12.82 -14.90 10.62
N SER B 23 11.90 -15.85 10.49
CA SER B 23 10.75 -15.71 9.60
C SER B 23 9.60 -16.52 10.18
N TRP B 24 8.44 -15.88 10.32
CA TRP B 24 7.22 -16.51 10.82
C TRP B 24 6.16 -16.59 9.74
N ASP B 25 6.57 -16.91 8.51
CA ASP B 25 5.63 -16.96 7.40
C ASP B 25 4.64 -18.11 7.54
N ALA B 26 5.03 -19.20 8.21
CA ALA B 26 4.15 -20.35 8.35
C ALA B 26 3.01 -20.10 9.32
N GLN B 27 3.16 -19.16 10.25
CA GLN B 27 2.13 -18.89 11.25
C GLN B 27 0.87 -18.35 10.59
N THR B 28 -0.18 -19.18 10.52
CA THR B 28 -1.45 -18.77 9.95
C THR B 28 -2.34 -18.15 11.03
N TYR B 29 -3.14 -17.17 10.63
CA TYR B 29 -3.99 -16.44 11.54
C TYR B 29 -5.46 -16.65 11.17
N GLN B 30 -6.34 -16.30 12.11
CA GLN B 30 -7.77 -16.44 11.88
C GLN B 30 -8.24 -15.46 10.82
N MET B 31 -9.28 -15.87 10.08
CA MET B 31 -9.86 -15.00 9.08
C MET B 31 -10.48 -13.77 9.75
N TYR B 32 -10.22 -12.60 9.15
CA TYR B 32 -10.66 -11.30 9.65
C TYR B 32 -10.02 -10.94 10.98
N ASP B 33 -8.98 -11.65 11.40
CA ASP B 33 -8.21 -11.34 12.60
C ASP B 33 -6.83 -10.89 12.15
N TYR B 34 -6.63 -9.58 12.05
CA TYR B 34 -5.43 -9.01 11.46
C TYR B 34 -4.44 -8.59 12.55
N VAL B 35 -3.16 -8.73 12.23
CA VAL B 35 -2.08 -8.51 13.18
C VAL B 35 -1.70 -7.04 13.18
N SER B 36 -1.57 -6.46 14.37
CA SER B 36 -1.15 -5.07 14.51
C SER B 36 0.36 -4.93 14.60
N TYR B 37 0.99 -5.75 15.43
CA TYR B 37 2.45 -5.72 15.60
C TYR B 37 2.89 -7.05 16.19
N TYR B 38 4.20 -7.25 16.23
CA TYR B 38 4.80 -8.47 16.75
C TYR B 38 5.67 -8.15 17.95
N ARG B 39 5.67 -9.04 18.93
CA ARG B 39 6.58 -8.96 20.07
C ARG B 39 7.58 -10.11 19.95
N ILE B 40 8.84 -9.77 19.67
CA ILE B 40 9.90 -10.74 19.48
C ILE B 40 10.83 -10.67 20.67
N THR B 41 10.95 -11.78 21.40
CA THR B 41 11.81 -11.87 22.57
C THR B 41 12.92 -12.88 22.30
N TYR B 42 14.13 -12.54 22.73
CA TYR B 42 15.29 -13.40 22.54
C TYR B 42 16.19 -13.31 23.78
N GLY B 43 16.84 -14.42 24.09
CA GLY B 43 17.74 -14.45 25.23
C GLY B 43 18.37 -15.82 25.36
N GLU B 44 19.33 -15.90 26.27
CA GLU B 44 20.04 -17.15 26.52
C GLU B 44 19.08 -18.22 27.00
N THR B 45 19.18 -19.41 26.40
CA THR B 45 18.30 -20.52 26.76
C THR B 45 18.65 -21.04 28.15
N GLY B 46 17.63 -21.17 29.00
CA GLY B 46 17.81 -21.72 30.33
C GLY B 46 18.37 -20.77 31.36
N GLY B 47 18.80 -19.56 30.97
CA GLY B 47 19.35 -18.62 31.89
C GLY B 47 18.28 -17.81 32.62
N ASN B 48 18.75 -16.97 33.54
CA ASN B 48 17.88 -16.07 34.30
C ASN B 48 18.06 -14.62 33.87
N SER B 49 18.46 -14.40 32.61
CA SER B 49 18.64 -13.06 32.08
C SER B 49 17.28 -12.42 31.83
N PRO B 50 17.22 -11.09 31.77
CA PRO B 50 15.92 -10.41 31.57
C PRO B 50 15.30 -10.64 30.21
N VAL B 51 16.07 -11.13 29.23
CA VAL B 51 15.60 -11.35 27.85
C VAL B 51 15.31 -10.00 27.18
N GLN B 52 15.99 -9.74 26.07
CA GLN B 52 15.76 -8.51 25.32
C GLN B 52 14.58 -8.68 24.38
N GLU B 53 13.89 -7.57 24.12
CA GLU B 53 12.68 -7.60 23.30
C GLU B 53 12.62 -6.36 22.42
N PHE B 54 11.79 -6.44 21.38
CA PHE B 54 11.53 -5.33 20.47
C PHE B 54 10.28 -5.68 19.68
N THR B 55 9.77 -4.68 18.95
CA THR B 55 8.53 -4.84 18.21
C THR B 55 8.73 -4.44 16.75
N VAL B 56 8.02 -5.14 15.87
CA VAL B 56 7.98 -4.81 14.45
C VAL B 56 6.50 -4.66 14.05
N PRO B 57 6.19 -3.89 13.00
CA PRO B 57 4.79 -3.76 12.58
C PRO B 57 4.19 -5.09 12.16
N GLY B 58 2.86 -5.12 12.14
CA GLY B 58 2.14 -6.36 11.89
C GLY B 58 2.26 -6.90 10.49
N TYR B 59 2.58 -6.05 9.51
CA TYR B 59 2.72 -6.51 8.14
C TYR B 59 4.07 -7.16 7.87
N TYR B 60 4.94 -7.24 8.86
CA TYR B 60 6.22 -7.90 8.69
C TYR B 60 6.05 -9.41 8.63
N SER B 61 6.92 -10.06 7.87
CA SER B 61 7.02 -11.51 7.86
C SER B 61 8.36 -12.03 8.33
N THR B 62 9.41 -11.21 8.26
CA THR B 62 10.74 -11.57 8.76
C THR B 62 11.25 -10.44 9.65
N ALA B 63 12.28 -10.75 10.43
CA ALA B 63 12.92 -9.77 11.28
C ALA B 63 14.37 -10.16 11.49
N THR B 64 15.21 -9.16 11.73
CA THR B 64 16.64 -9.37 11.93
C THR B 64 16.98 -8.98 13.37
N ILE B 65 17.45 -9.96 14.14
CA ILE B 65 17.96 -9.73 15.48
C ILE B 65 19.46 -9.61 15.39
N SER B 66 20.01 -8.49 15.87
CA SER B 66 21.43 -8.21 15.78
C SER B 66 22.03 -8.04 17.18
N GLY B 67 23.35 -8.02 17.25
CA GLY B 67 24.05 -7.83 18.49
C GLY B 67 23.87 -8.96 19.48
N LEU B 68 24.27 -10.17 19.10
CA LEU B 68 24.16 -11.35 19.95
C LEU B 68 25.55 -11.92 20.20
N LYS B 69 25.61 -12.88 21.12
CA LYS B 69 26.88 -13.48 21.52
C LYS B 69 27.12 -14.75 20.72
N PRO B 70 28.23 -14.86 20.00
CA PRO B 70 28.50 -16.08 19.24
C PRO B 70 28.63 -17.30 20.15
N GLY B 71 28.23 -18.45 19.62
CA GLY B 71 28.33 -19.70 20.36
C GLY B 71 27.48 -19.74 21.62
N VAL B 72 26.25 -19.23 21.55
CA VAL B 72 25.37 -19.14 22.69
C VAL B 72 24.01 -19.70 22.30
N ASP B 73 23.45 -20.57 23.14
CA ASP B 73 22.12 -21.12 22.92
C ASP B 73 21.07 -20.03 23.16
N TYR B 74 20.41 -19.59 22.10
CA TYR B 74 19.39 -18.55 22.19
C TYR B 74 18.01 -19.17 22.00
N THR B 75 17.01 -18.53 22.59
CA THR B 75 15.61 -18.91 22.43
C THR B 75 14.87 -17.73 21.81
N ILE B 76 14.36 -17.93 20.59
CA ILE B 76 13.67 -16.89 19.84
C ILE B 76 12.17 -17.15 19.98
N THR B 77 11.44 -16.14 20.44
CA THR B 77 9.99 -16.25 20.64
C THR B 77 9.30 -15.07 20.00
N VAL B 78 8.22 -15.34 19.27
CA VAL B 78 7.45 -14.31 18.58
C VAL B 78 6.01 -14.36 19.08
N TYR B 79 5.49 -13.21 19.53
CA TYR B 79 4.12 -13.09 19.97
C TYR B 79 3.35 -12.29 18.92
N ALA B 80 2.44 -12.97 18.22
CA ALA B 80 1.59 -12.30 17.23
C ALA B 80 0.45 -11.61 17.95
N GLU B 81 0.50 -10.28 18.02
CA GLU B 81 -0.47 -9.48 18.75
C GLU B 81 -1.40 -8.80 17.75
N GLY B 82 -2.57 -9.39 17.53
CA GLY B 82 -3.53 -8.82 16.62
C GLY B 82 -4.28 -7.65 17.23
N TYR B 83 -5.12 -7.02 16.40
CA TYR B 83 -5.92 -5.89 16.87
C TYR B 83 -7.00 -6.31 17.86
N TYR B 84 -7.43 -7.58 17.81
CA TYR B 84 -8.48 -8.05 18.70
C TYR B 84 -8.19 -9.44 19.25
N SER B 85 -6.92 -9.85 19.30
CA SER B 85 -6.56 -11.17 19.81
C SER B 85 -5.09 -11.18 20.16
N SER B 86 -4.71 -12.20 20.94
CA SER B 86 -3.32 -12.47 21.29
C SER B 86 -3.04 -13.92 20.95
N TYR B 87 -2.23 -14.15 19.92
CA TYR B 87 -2.00 -15.49 19.42
C TYR B 87 -1.01 -16.24 20.32
N SER B 88 -1.05 -17.56 20.22
CA SER B 88 -0.17 -18.39 21.03
C SER B 88 1.28 -18.20 20.61
N PRO B 89 2.20 -18.06 21.57
CA PRO B 89 3.61 -17.84 21.21
C PRO B 89 4.17 -19.00 20.40
N ILE B 90 5.11 -18.68 19.52
CA ILE B 90 5.87 -19.66 18.75
C ILE B 90 7.35 -19.42 19.01
N SER B 91 8.09 -20.50 19.23
CA SER B 91 9.48 -20.41 19.67
C SER B 91 10.38 -21.27 18.80
N ILE B 92 11.69 -21.02 18.92
CA ILE B 92 12.71 -21.83 18.27
C ILE B 92 14.02 -21.58 18.99
N ASN B 93 14.87 -22.61 19.06
CA ASN B 93 16.17 -22.52 19.68
C ASN B 93 17.25 -22.61 18.62
N TYR B 94 18.20 -21.68 18.66
CA TYR B 94 19.28 -21.64 17.67
C TYR B 94 20.57 -21.22 18.35
N ARG B 95 21.65 -21.94 18.05
CA ARG B 95 22.97 -21.65 18.60
C ARG B 95 23.73 -20.80 17.60
N THR B 96 24.13 -19.61 18.02
CA THR B 96 24.87 -18.69 17.17
C THR B 96 26.26 -19.24 16.84
C1 EDO C . -3.74 18.31 -31.07
O1 EDO C . -2.56 19.09 -30.83
C2 EDO C . -3.44 16.85 -30.74
O2 EDO C . -2.37 16.37 -31.57
S SO4 D . -20.64 14.46 -9.29
O1 SO4 D . -20.90 15.77 -9.87
O2 SO4 D . -20.09 13.57 -10.31
O3 SO4 D . -21.89 13.89 -8.78
O4 SO4 D . -19.68 14.59 -8.20
O1 MES E . -9.39 -6.29 -1.43
C2 MES E . -9.00 -5.16 -0.63
C3 MES E . -10.22 -4.45 -0.05
N4 MES E . -11.14 -4.21 -1.15
C5 MES E . -11.56 -5.36 -1.94
C6 MES E . -10.27 -5.95 -2.49
C7 MES E . -12.07 -3.10 -1.02
C8 MES E . -12.32 -2.66 -2.45
S MES E . -13.94 -2.38 -2.69
O1S MES E . -14.13 -1.04 -3.25
O2S MES E . -14.44 -3.39 -3.66
O3S MES E . -14.67 -2.50 -1.42
C1 EDO F . 6.36 -10.81 -11.90
O1 EDO F . 6.49 -9.62 -11.12
C2 EDO F . 4.90 -11.07 -12.19
O2 EDO F . 4.76 -12.27 -12.95
C1 EDO G . 14.84 -4.69 -18.60
O1 EDO G . 15.41 -4.67 -17.29
C2 EDO G . 15.70 -3.85 -19.54
O2 EDO G . 15.14 -3.87 -20.85
P PO4 H . 4.32 2.32 13.56
O1 PO4 H . 3.21 1.65 12.78
O2 PO4 H . 5.54 2.46 12.68
O3 PO4 H . 4.66 1.48 14.77
O4 PO4 H . 3.86 3.69 14.01
C1 PDO I . 12.77 8.08 -2.88
O1 PDO I . 13.47 9.26 -3.23
C2 PDO I . 12.76 7.15 -4.08
C3 PDO I . 12.22 5.79 -3.71
O3 PDO I . 12.08 5.01 -4.87
C1 EDO J . 9.47 13.94 1.57
O1 EDO J . 9.56 13.93 0.14
C2 EDO J . 8.02 13.63 1.98
O2 EDO J . 7.66 12.33 1.52
C1 EDO K . -8.29 4.42 -15.84
O1 EDO K . -6.94 4.73 -16.16
C2 EDO K . -9.04 4.03 -17.10
O2 EDO K . -8.33 2.97 -17.76
N1 627 L . -13.57 5.37 0.61
N2 627 L . -13.29 8.36 2.57
C3 627 L . -14.48 8.95 0.91
N4 627 L . -13.93 9.41 2.02
N5 627 L . -15.24 9.73 0.05
C6 627 L . -16.27 9.35 -0.75
C7 627 L . -16.95 10.41 -1.56
O8 627 L . -16.69 8.21 -0.80
C9 627 L . -16.81 11.74 -1.21
C10 627 L . -17.44 12.75 -1.94
C11 627 L . -18.36 11.09 -3.40
C12 627 L . -17.73 10.11 -2.67
C13 627 L . -13.43 7.26 1.85
C14 627 L . -14.20 7.58 0.76
C15 627 L . -14.39 6.37 -0.09
C16 627 L . -13.02 5.84 1.89
N17 627 L . -18.86 13.42 -3.81
C18 627 L . -19.85 13.01 -4.80
C19 627 L . -20.84 14.14 -5.09
N20 627 L . -20.22 15.40 -5.42
C21 627 L . -19.33 15.78 -4.34
C22 627 L . -18.27 14.74 -3.99
C23 627 L . -21.18 16.44 -5.77
C24 627 L . -18.23 12.45 -3.07
C25 627 L . -13.38 4.15 0.07
O26 627 L . -12.71 3.30 0.64
C27 627 L . -13.09 4.38 -2.36
C28 627 L . -13.60 5.00 -3.50
C29 627 L . -11.72 4.27 -2.20
C31 627 L . -12.74 5.49 -4.48
C33 627 L . -10.85 4.76 -3.18
C20 627 L . -14.02 3.85 -1.28
C35 627 L . -11.37 5.37 -4.31
C36 627 L . -15.16 2.05 -2.27
O34 627 L . -14.19 2.46 -1.35
S SO4 M . 2.72 -11.16 -2.99
O1 SO4 M . 3.68 -11.07 -4.09
O2 SO4 M . 1.48 -10.50 -3.38
O3 SO4 M . 2.46 -12.56 -2.69
O4 SO4 M . 3.27 -10.50 -1.81
#